data_2XNW
#
_entry.id   2XNW
#
_cell.length_a   135.895
_cell.length_b   35.380
_cell.length_c   42.197
_cell.angle_alpha   90.00
_cell.angle_beta   92.19
_cell.angle_gamma   90.00
#
_symmetry.space_group_name_H-M   'C 1 2 1'
#
loop_
_entity.id
_entity.type
_entity.pdbx_description
1 polymer 'GUANINE RIBOSWITCH'
2 non-polymer 'COBALT HEXAMMINE(III)'
3 non-polymer 'ACETATE ION'
4 non-polymer 3,6-diamino-1,5-dihydro[1,2,4]triazolo[4,3-b][1,2,4]triazol-4-ium
5 non-polymer 'POTASSIUM ION'
6 water water
#
_entity_poly.entity_id   1
_entity_poly.type   'polyribonucleotide'
_entity_poly.pdbx_seq_one_letter_code
;GGACAUAUAAUCGCGUGGAUAUGGCACGCAAGUUUCUACCGGGCACCGUAAAUGUCCGAUUAUGUCC
;
_entity_poly.pdbx_strand_id   A
#